data_9C6T
#
_entry.id   9C6T
#
_cell.length_a   114.255
_cell.length_b   114.255
_cell.length_c   168.221
_cell.angle_alpha   90.00
_cell.angle_beta   90.00
_cell.angle_gamma   120.00
#
_symmetry.space_group_name_H-M   'P 31 2 1'
#
loop_
_entity.id
_entity.type
_entity.pdbx_description
1 polymer Isthmin-1
2 non-polymer alpha-D-mannopyranose
#
_entity_poly.entity_id   1
_entity_poly.type   'polypeptide(L)'
_entity_poly.pdbx_seq_one_letter_code
;DGEGDWSLWSVCSVTCGNGNQKRTRSCGYACTATESRTCDRPNCPGIEDTFRTAATEVSLLAGSEEFNATKLFEVDTDSC
ERWMSCKSEFLKKYMHKVMNDLPSCPCSYPTEVAYSTADIFDRIKRKDFRWKDASGPKEKLEIYKPTARYCIRSMLSLES
TTLAAQHCCYGDNMQLITRGKGAGTPNLISTEFSAELHYKVDVLPWIICKGDWSRYNEARPPNNGQKCTESPSDEDYIKQ
FQEAREY
;
_entity_poly.pdbx_strand_id   A,B
#
# COMPACT_ATOMS: atom_id res chain seq x y z
N ASP A 5 7.00 26.32 -3.86
CA ASP A 5 7.42 25.73 -5.13
C ASP A 5 7.46 24.21 -4.98
N TRP A 6 8.43 23.54 -5.62
CA TRP A 6 8.48 22.09 -5.54
C TRP A 6 9.05 21.67 -4.21
N SER A 7 9.61 20.47 -4.15
CA SER A 7 10.36 20.01 -2.98
C SER A 7 11.48 19.09 -3.46
N LEU A 8 11.94 18.21 -2.57
CA LEU A 8 13.12 17.41 -2.84
C LEU A 8 12.82 16.29 -3.82
N TRP A 9 13.89 15.70 -4.37
CA TRP A 9 13.80 14.53 -5.22
C TRP A 9 13.74 13.23 -4.43
N SER A 10 14.25 13.24 -3.20
CA SER A 10 14.39 12.08 -2.33
C SER A 10 15.36 11.05 -2.91
N VAL A 11 15.80 10.10 -2.09
CA VAL A 11 16.88 9.18 -2.41
C VAL A 11 16.32 7.94 -3.11
N CYS A 12 17.16 7.31 -3.93
CA CYS A 12 16.81 6.03 -4.53
C CYS A 12 16.33 5.06 -3.45
N SER A 13 15.22 4.38 -3.72
CA SER A 13 14.57 3.61 -2.68
C SER A 13 15.40 2.40 -2.24
N VAL A 14 16.29 1.92 -3.11
CA VAL A 14 17.10 0.75 -2.80
C VAL A 14 18.46 0.87 -3.49
N THR A 15 19.49 0.39 -2.81
CA THR A 15 20.82 0.26 -3.38
C THR A 15 21.12 -1.17 -3.82
N CYS A 16 20.75 -2.16 -3.01
CA CYS A 16 20.91 -3.56 -3.35
C CYS A 16 19.74 -4.04 -4.20
N GLY A 17 19.50 -3.37 -5.31
CA GLY A 17 18.33 -3.67 -6.12
C GLY A 17 18.06 -2.53 -7.11
N ASN A 18 16.80 -2.45 -7.54
CA ASN A 18 16.34 -1.44 -8.49
C ASN A 18 15.10 -0.76 -7.93
N GLY A 19 15.15 0.58 -7.83
CA GLY A 19 14.10 1.31 -7.14
C GLY A 19 13.54 2.57 -7.82
N ASN A 20 13.41 3.65 -7.07
CA ASN A 20 12.71 4.84 -7.57
C ASN A 20 13.18 6.07 -6.79
N GLN A 21 12.74 7.24 -7.23
CA GLN A 21 12.87 8.48 -6.45
C GLN A 21 11.58 9.27 -6.60
N LYS A 22 11.04 9.75 -5.49
CA LYS A 22 9.75 10.43 -5.48
C LYS A 22 9.90 11.89 -5.06
N ARG A 23 9.07 12.75 -5.64
CA ARG A 23 9.16 14.19 -5.48
C ARG A 23 7.79 14.72 -5.10
N THR A 24 7.72 15.47 -3.99
CA THR A 24 6.50 16.16 -3.63
C THR A 24 6.61 17.64 -4.01
N ARG A 25 5.46 18.31 -4.07
CA ARG A 25 5.41 19.66 -4.61
C ARG A 25 4.19 20.38 -4.06
N SER A 26 4.36 21.68 -3.78
CA SER A 26 3.29 22.50 -3.25
C SER A 26 2.09 22.51 -4.17
N CYS A 27 0.96 22.06 -3.62
CA CYS A 27 -0.32 21.98 -4.30
C CYS A 27 -1.22 23.09 -3.76
N GLY A 28 -2.53 22.87 -3.81
CA GLY A 28 -3.49 23.75 -3.20
C GLY A 28 -3.86 23.28 -1.79
N TYR A 29 -4.72 24.06 -1.15
CA TYR A 29 -5.16 23.75 0.20
C TYR A 29 -5.78 22.36 0.27
N ALA A 30 -5.29 21.55 1.20
CA ALA A 30 -5.71 20.16 1.40
C ALA A 30 -5.40 19.27 0.21
N CYS A 31 -4.45 19.66 -0.64
CA CYS A 31 -3.98 18.82 -1.73
C CYS A 31 -2.50 18.53 -1.56
N THR A 32 -2.03 17.47 -2.24
CA THR A 32 -0.62 17.11 -2.20
C THR A 32 -0.22 16.52 -3.55
N ALA A 33 0.57 17.27 -4.32
CA ALA A 33 1.06 16.82 -5.60
C ALA A 33 2.36 16.06 -5.43
N THR A 34 2.60 15.09 -6.32
CA THR A 34 3.79 14.27 -6.22
C THR A 34 4.13 13.73 -7.62
N GLU A 35 5.23 12.98 -7.69
CA GLU A 35 5.70 12.39 -8.93
C GLU A 35 6.83 11.41 -8.62
N SER A 36 6.87 10.30 -9.36
CA SER A 36 7.84 9.24 -9.14
C SER A 36 8.74 9.09 -10.36
N ARG A 37 9.97 8.68 -10.13
CA ARG A 37 10.97 8.49 -11.17
C ARG A 37 11.74 7.20 -10.87
N THR A 38 12.27 6.57 -11.92
CA THR A 38 12.90 5.28 -11.78
C THR A 38 14.40 5.43 -11.50
N CYS A 39 14.94 4.46 -10.77
CA CYS A 39 16.34 4.45 -10.36
C CYS A 39 16.89 3.04 -10.52
N ASP A 40 18.12 2.93 -11.04
CA ASP A 40 18.72 1.64 -11.35
C ASP A 40 20.06 1.46 -10.63
N ARG A 41 20.24 0.26 -10.06
CA ARG A 41 21.49 -0.22 -9.44
C ARG A 41 21.58 -1.71 -9.71
N PRO A 42 22.76 -2.23 -10.03
CA PRO A 42 22.89 -3.67 -10.33
C PRO A 42 22.74 -4.51 -9.07
N ASN A 43 21.82 -5.47 -9.13
CA ASN A 43 21.39 -6.32 -8.01
C ASN A 43 21.51 -5.65 -6.64
N ILE A 47 15.53 -11.22 -11.48
CA ILE A 47 15.87 -11.57 -12.85
C ILE A 47 16.79 -12.79 -12.88
N GLU A 48 16.37 -13.85 -12.19
CA GLU A 48 17.08 -15.13 -12.24
C GLU A 48 16.55 -15.98 -13.41
N ASP A 49 15.34 -16.51 -13.24
CA ASP A 49 14.70 -17.38 -14.23
C ASP A 49 13.81 -16.59 -15.19
N THR A 50 13.69 -15.27 -15.01
CA THR A 50 12.87 -14.46 -15.88
C THR A 50 13.41 -14.47 -17.32
N PHE A 51 14.71 -14.24 -17.49
CA PHE A 51 15.36 -14.19 -18.80
C PHE A 51 15.92 -15.55 -19.22
N ARG A 52 15.39 -16.65 -18.71
CA ARG A 52 15.84 -17.99 -19.10
C ARG A 52 14.72 -18.79 -19.69
N THR A 53 13.69 -19.16 -18.91
CA THR A 53 12.61 -19.98 -19.45
C THR A 53 11.79 -19.21 -20.47
N ALA A 54 11.63 -17.91 -20.27
CA ALA A 54 10.86 -17.10 -21.21
C ALA A 54 11.59 -16.95 -22.53
N ALA A 55 12.89 -16.62 -22.48
CA ALA A 55 13.65 -16.41 -23.71
C ALA A 55 13.66 -17.66 -24.57
N THR A 56 13.57 -18.84 -23.96
CA THR A 56 13.50 -20.07 -24.74
C THR A 56 12.14 -20.22 -25.39
N GLU A 57 11.07 -19.73 -24.77
CA GLU A 57 9.74 -19.78 -25.34
C GLU A 57 9.47 -18.65 -26.33
N VAL A 58 10.30 -17.61 -26.33
CA VAL A 58 10.08 -16.48 -27.24
C VAL A 58 10.72 -16.74 -28.59
N SER A 59 12.03 -17.03 -28.60
CA SER A 59 12.74 -17.23 -29.86
C SER A 59 12.27 -18.51 -30.55
N LEU A 60 11.87 -19.53 -29.79
CA LEU A 60 11.26 -20.73 -30.36
C LEU A 60 9.77 -20.53 -30.52
N LEU A 61 9.42 -19.51 -31.28
CA LEU A 61 8.03 -19.17 -31.58
C LEU A 61 7.97 -18.15 -32.71
N ASP A 76 -9.77 9.43 -38.85
CA ASP A 76 -10.89 8.50 -38.91
C ASP A 76 -10.44 7.06 -38.62
N THR A 77 -9.39 6.94 -37.82
CA THR A 77 -8.90 5.64 -37.35
C THR A 77 -8.53 5.77 -35.88
N ASP A 78 -8.95 4.80 -35.07
CA ASP A 78 -8.77 4.85 -33.62
C ASP A 78 -7.62 3.95 -33.19
N SER A 79 -6.84 4.42 -32.21
CA SER A 79 -5.71 3.64 -31.72
C SER A 79 -6.17 2.42 -30.93
N CYS A 80 -7.24 2.57 -30.14
CA CYS A 80 -7.76 1.43 -29.38
C CYS A 80 -8.39 0.38 -30.29
N GLU A 81 -9.07 0.82 -31.35
CA GLU A 81 -9.53 -0.13 -32.36
C GLU A 81 -8.37 -0.90 -32.97
N ARG A 82 -7.31 -0.18 -33.34
CA ARG A 82 -6.18 -0.81 -34.02
C ARG A 82 -5.51 -1.85 -33.13
N TRP A 83 -5.45 -1.59 -31.81
CA TRP A 83 -4.94 -2.58 -30.88
C TRP A 83 -5.84 -3.81 -30.86
N MET A 84 -7.15 -3.59 -30.71
CA MET A 84 -8.13 -4.67 -30.72
C MET A 84 -8.36 -5.25 -32.12
N SER A 85 -7.63 -4.76 -33.13
CA SER A 85 -7.69 -5.30 -34.47
C SER A 85 -6.40 -6.01 -34.88
N CYS A 86 -5.51 -6.26 -33.92
CA CYS A 86 -4.21 -6.87 -34.20
C CYS A 86 -4.37 -8.39 -34.30
N LYS A 87 -4.20 -8.92 -35.52
CA LYS A 87 -4.24 -10.36 -35.73
C LYS A 87 -2.83 -10.95 -35.74
N SER A 88 -2.02 -10.61 -34.74
CA SER A 88 -0.67 -11.15 -34.64
C SER A 88 -0.73 -12.62 -34.27
N GLU A 89 -0.13 -13.47 -35.12
CA GLU A 89 -0.10 -14.90 -34.84
C GLU A 89 0.68 -15.19 -33.56
N PHE A 90 1.72 -14.40 -33.28
CA PHE A 90 2.41 -14.50 -32.00
C PHE A 90 1.50 -14.15 -30.84
N LEU A 91 0.80 -13.00 -30.95
CA LEU A 91 -0.05 -12.55 -29.86
C LEU A 91 -1.19 -13.52 -29.60
N LYS A 92 -1.80 -14.06 -30.66
CA LYS A 92 -2.94 -14.95 -30.47
C LYS A 92 -2.48 -16.30 -29.93
N LYS A 93 -1.41 -16.86 -30.50
CA LYS A 93 -0.87 -18.13 -30.02
C LYS A 93 -0.41 -18.02 -28.56
N TYR A 94 0.39 -17.00 -28.27
CA TYR A 94 0.84 -16.77 -26.89
C TYR A 94 -0.36 -16.65 -25.94
N MET A 95 -1.38 -15.88 -26.33
CA MET A 95 -2.53 -15.68 -25.45
C MET A 95 -3.28 -16.97 -25.19
N HIS A 96 -3.47 -17.80 -26.23
CA HIS A 96 -4.10 -19.10 -26.03
C HIS A 96 -3.39 -19.91 -24.94
N LYS A 97 -2.07 -20.04 -25.06
CA LYS A 97 -1.31 -20.83 -24.09
C LYS A 97 -1.23 -20.16 -22.73
N VAL A 98 -1.42 -18.84 -22.68
CA VAL A 98 -1.50 -18.13 -21.40
C VAL A 98 -2.75 -18.55 -20.64
N MET A 99 -3.89 -18.60 -21.33
CA MET A 99 -5.14 -19.02 -20.71
C MET A 99 -5.19 -20.54 -20.58
N ASN A 100 -4.04 -21.17 -20.38
CA ASN A 100 -3.92 -22.62 -20.26
C ASN A 100 -2.79 -22.93 -19.29
N ASP A 101 -1.76 -22.07 -19.28
CA ASP A 101 -0.74 -22.14 -18.25
C ASP A 101 -1.23 -21.55 -16.93
N LEU A 102 -1.92 -20.40 -17.01
CA LEU A 102 -2.30 -19.66 -15.83
C LEU A 102 -3.23 -20.48 -14.94
N PRO A 103 -3.24 -20.20 -13.63
CA PRO A 103 -4.19 -20.85 -12.73
C PRO A 103 -5.54 -20.12 -12.71
N SER A 104 -6.52 -20.78 -12.11
CA SER A 104 -7.80 -20.13 -11.89
C SER A 104 -7.68 -19.09 -10.78
N CYS A 105 -8.61 -18.15 -10.76
CA CYS A 105 -8.63 -17.22 -9.64
C CYS A 105 -9.28 -17.87 -8.43
N PRO A 106 -8.74 -17.64 -7.24
CA PRO A 106 -9.43 -18.06 -6.02
C PRO A 106 -10.77 -17.35 -5.88
N CYS A 107 -11.74 -18.06 -5.27
CA CYS A 107 -13.06 -17.47 -5.07
C CYS A 107 -13.03 -16.35 -4.04
N SER A 108 -12.20 -16.48 -3.01
CA SER A 108 -12.10 -15.51 -1.92
C SER A 108 -10.69 -14.92 -1.87
N TYR A 109 -10.52 -13.94 -0.99
CA TYR A 109 -9.22 -13.30 -0.80
C TYR A 109 -8.36 -14.15 0.13
N PRO A 110 -7.19 -14.62 -0.31
CA PRO A 110 -6.30 -15.33 0.61
C PRO A 110 -5.74 -14.40 1.68
N THR A 111 -6.36 -14.45 2.86
CA THR A 111 -6.05 -13.51 3.95
C THR A 111 -4.55 -13.40 4.22
N GLU A 112 -3.86 -14.55 4.26
CA GLU A 112 -2.48 -14.63 4.69
C GLU A 112 -1.52 -13.88 3.76
N VAL A 113 -2.04 -13.32 2.66
CA VAL A 113 -1.19 -12.64 1.68
C VAL A 113 -1.09 -11.14 1.96
N ALA A 114 -1.85 -10.62 2.93
CA ALA A 114 -1.88 -9.19 3.22
C ALA A 114 -0.48 -8.60 3.40
N TYR A 115 0.42 -9.37 4.02
CA TYR A 115 1.81 -8.97 4.10
C TYR A 115 2.38 -8.82 2.69
N SER A 116 2.61 -9.96 2.05
CA SER A 116 3.24 -9.99 0.71
C SER A 116 3.48 -11.48 0.55
N THR A 117 2.95 -12.09 -0.50
CA THR A 117 3.03 -13.54 -0.55
C THR A 117 2.55 -14.73 0.26
N ALA A 118 2.05 -15.74 -0.46
CA ALA A 118 1.67 -17.05 0.07
C ALA A 118 1.45 -18.00 -1.10
N ASP A 119 1.30 -19.29 -0.77
CA ASP A 119 1.21 -20.36 -1.75
C ASP A 119 -0.15 -21.04 -1.63
N ILE A 120 -0.88 -21.13 -2.74
CA ILE A 120 -2.16 -21.83 -2.78
C ILE A 120 -2.18 -22.79 -3.95
N PHE A 121 -3.13 -23.73 -3.89
CA PHE A 121 -3.16 -24.91 -4.75
C PHE A 121 -4.30 -24.77 -5.74
N ASP A 122 -3.97 -24.85 -7.04
CA ASP A 122 -4.97 -24.78 -8.09
C ASP A 122 -5.60 -26.15 -8.28
N ARG A 123 -6.93 -26.22 -8.18
CA ARG A 123 -7.62 -27.49 -8.32
C ARG A 123 -7.57 -27.98 -9.77
N ILE A 124 -7.67 -27.06 -10.73
CA ILE A 124 -7.68 -27.43 -12.13
C ILE A 124 -6.31 -27.93 -12.57
N LYS A 125 -5.27 -27.13 -12.32
CA LYS A 125 -3.92 -27.54 -12.68
C LYS A 125 -3.36 -28.61 -11.75
N ARG A 126 -4.00 -28.84 -10.60
CA ARG A 126 -3.53 -29.79 -9.59
C ARG A 126 -2.07 -29.52 -9.23
N LYS A 127 -1.79 -28.28 -8.88
CA LYS A 127 -0.44 -27.84 -8.60
C LYS A 127 -0.47 -26.66 -7.65
N ASP A 128 0.67 -26.40 -7.01
CA ASP A 128 0.86 -25.24 -6.16
C ASP A 128 1.32 -24.05 -6.99
N PHE A 129 0.80 -22.86 -6.64
CA PHE A 129 1.19 -21.63 -7.31
C PHE A 129 1.38 -20.54 -6.28
N ARG A 130 2.40 -19.70 -6.48
CA ARG A 130 2.75 -18.67 -5.53
C ARG A 130 2.13 -17.35 -5.96
N TRP A 131 1.57 -16.63 -4.99
CA TRP A 131 0.83 -15.40 -5.24
C TRP A 131 1.36 -14.27 -4.38
N LYS A 132 1.43 -13.08 -4.95
CA LYS A 132 1.83 -11.88 -4.24
C LYS A 132 0.66 -10.92 -4.13
N ASP A 133 0.64 -10.15 -3.05
CA ASP A 133 -0.43 -9.18 -2.82
C ASP A 133 -0.25 -7.98 -3.74
N ALA A 134 -1.24 -7.74 -4.60
CA ALA A 134 -1.23 -6.65 -5.56
C ALA A 134 -2.19 -5.54 -5.17
N SER A 135 -2.16 -5.13 -3.89
CA SER A 135 -3.11 -4.15 -3.37
C SER A 135 -2.40 -2.94 -2.78
N GLY A 136 -1.22 -2.63 -3.33
CA GLY A 136 -0.43 -1.54 -2.80
C GLY A 136 -0.89 -0.20 -3.31
N PRO A 137 -0.14 0.83 -2.93
CA PRO A 137 -0.43 2.19 -3.42
C PRO A 137 0.15 2.43 -4.80
N LYS A 138 1.27 1.77 -5.11
CA LYS A 138 1.78 1.76 -6.48
C LYS A 138 0.78 1.15 -7.44
N GLU A 139 -0.12 0.30 -6.94
CA GLU A 139 -1.18 -0.25 -7.79
C GLU A 139 -2.20 0.83 -8.14
N LYS A 140 -2.52 1.70 -7.18
CA LYS A 140 -3.66 2.61 -7.27
C LYS A 140 -4.91 1.86 -7.67
N LEU A 141 -5.46 1.08 -6.74
CA LEU A 141 -6.73 0.40 -6.99
C LEU A 141 -7.86 1.40 -7.19
N GLU A 142 -7.72 2.59 -6.61
CA GLU A 142 -8.69 3.66 -6.75
C GLU A 142 -9.02 3.93 -8.21
N ILE A 143 -8.02 3.83 -9.09
CA ILE A 143 -8.18 4.25 -10.48
C ILE A 143 -8.41 3.02 -11.37
N TYR A 144 -7.50 2.06 -11.34
CA TYR A 144 -7.50 1.02 -12.36
C TYR A 144 -8.52 -0.08 -12.08
N LYS A 145 -8.77 -0.39 -10.81
CA LYS A 145 -9.82 -1.34 -10.42
C LYS A 145 -10.66 -0.66 -9.35
N PRO A 146 -11.51 0.30 -9.73
CA PRO A 146 -12.13 1.18 -8.73
C PRO A 146 -13.20 0.49 -7.91
N THR A 147 -13.71 -0.65 -8.35
CA THR A 147 -14.62 -1.42 -7.50
C THR A 147 -13.85 -2.15 -6.41
N ALA A 148 -12.68 -2.69 -6.75
CA ALA A 148 -12.06 -3.69 -5.91
C ALA A 148 -11.46 -3.08 -4.64
N ARG A 149 -11.26 -3.94 -3.65
CA ARG A 149 -10.60 -3.60 -2.40
C ARG A 149 -9.23 -4.24 -2.26
N TYR A 150 -9.09 -5.49 -2.70
CA TYR A 150 -7.81 -6.18 -2.74
C TYR A 150 -7.54 -6.72 -4.13
N CYS A 151 -6.26 -6.96 -4.42
CA CYS A 151 -5.85 -7.61 -5.65
C CYS A 151 -4.60 -8.45 -5.40
N ILE A 152 -4.46 -9.52 -6.18
CA ILE A 152 -3.32 -10.43 -6.10
C ILE A 152 -2.95 -10.89 -7.51
N ARG A 153 -1.66 -11.18 -7.69
CA ARG A 153 -1.14 -11.69 -8.95
C ARG A 153 -0.34 -12.96 -8.74
N SER A 154 -0.41 -13.85 -9.73
CA SER A 154 0.40 -15.05 -9.74
C SER A 154 1.84 -14.73 -10.11
N MET A 155 2.75 -15.57 -9.65
CA MET A 155 4.18 -15.30 -9.74
C MET A 155 4.83 -16.28 -10.72
N LEU A 156 5.84 -15.79 -11.45
CA LEU A 156 6.51 -16.55 -12.49
C LEU A 156 7.15 -17.83 -11.93
N SER A 157 6.46 -18.96 -12.07
CA SER A 157 6.99 -20.23 -11.60
C SER A 157 8.25 -20.61 -12.37
N LEU A 158 9.09 -21.44 -11.73
CA LEU A 158 10.28 -21.92 -12.42
C LEU A 158 9.94 -22.74 -13.65
N GLU A 159 8.78 -23.41 -13.64
CA GLU A 159 8.27 -24.17 -14.77
C GLU A 159 7.15 -23.43 -15.49
N SER A 160 7.18 -22.10 -15.49
CA SER A 160 6.18 -21.31 -16.19
C SER A 160 6.49 -21.29 -17.68
N THR A 161 5.46 -21.53 -18.50
CA THR A 161 5.61 -21.52 -19.94
C THR A 161 5.57 -20.11 -20.52
N THR A 162 5.11 -19.13 -19.76
CA THR A 162 4.93 -17.77 -20.25
C THR A 162 5.53 -16.77 -19.28
N LEU A 163 5.56 -15.51 -19.71
CA LEU A 163 5.83 -14.36 -18.84
C LEU A 163 4.56 -13.77 -18.25
N ALA A 164 3.42 -14.44 -18.42
CA ALA A 164 2.14 -13.90 -17.99
C ALA A 164 2.00 -14.01 -16.47
N ALA A 165 0.83 -13.59 -15.97
CA ALA A 165 0.51 -13.64 -14.55
C ALA A 165 -1.00 -13.42 -14.36
N GLN A 166 -1.66 -14.35 -13.68
CA GLN A 166 -3.09 -14.20 -13.41
C GLN A 166 -3.33 -13.06 -12.44
N HIS A 167 -4.07 -12.06 -12.87
CA HIS A 167 -4.55 -11.01 -11.99
C HIS A 167 -5.94 -11.39 -11.48
N CYS A 168 -6.18 -11.14 -10.19
CA CYS A 168 -7.50 -11.33 -9.60
C CYS A 168 -7.73 -10.25 -8.55
N CYS A 169 -8.86 -9.55 -8.66
CA CYS A 169 -9.22 -8.48 -7.74
C CYS A 169 -10.53 -8.82 -7.04
N TYR A 170 -10.64 -8.41 -5.78
CA TYR A 170 -11.71 -8.85 -4.91
C TYR A 170 -12.43 -7.64 -4.32
N GLY A 171 -13.40 -7.91 -3.44
CA GLY A 171 -14.25 -6.85 -2.95
C GLY A 171 -14.21 -6.65 -1.45
N ASP A 172 -15.17 -5.86 -0.94
CA ASP A 172 -15.25 -5.65 0.50
C ASP A 172 -15.55 -6.96 1.21
N ASN A 173 -16.42 -7.77 0.65
CA ASN A 173 -16.75 -9.09 1.20
C ASN A 173 -15.71 -10.15 0.85
N MET A 174 -14.55 -9.72 0.33
CA MET A 174 -13.39 -10.55 0.02
C MET A 174 -13.59 -11.45 -1.19
N GLN A 175 -14.71 -11.34 -1.89
CA GLN A 175 -15.01 -12.25 -3.01
C GLN A 175 -14.58 -11.65 -4.33
N LEU A 176 -14.30 -12.55 -5.28
CA LEU A 176 -13.78 -12.17 -6.58
C LEU A 176 -14.80 -11.34 -7.35
N ILE A 177 -14.32 -10.28 -8.00
CA ILE A 177 -15.16 -9.41 -8.81
C ILE A 177 -14.92 -9.84 -10.26
N THR A 178 -15.86 -10.61 -10.82
CA THR A 178 -15.64 -11.27 -12.09
C THR A 178 -15.65 -10.28 -13.26
N ARG A 179 -16.61 -9.39 -13.28
CA ARG A 179 -16.87 -8.50 -14.38
C ARG A 179 -16.82 -7.06 -13.90
N GLY A 180 -16.76 -6.14 -14.85
CA GLY A 180 -16.81 -4.74 -14.52
C GLY A 180 -15.45 -4.09 -14.48
N LYS A 181 -15.43 -2.89 -13.89
CA LYS A 181 -14.23 -2.05 -13.97
C LYS A 181 -13.10 -2.55 -13.07
N GLY A 182 -13.43 -3.24 -11.98
CA GLY A 182 -12.43 -3.80 -11.09
C GLY A 182 -12.37 -5.31 -11.11
N ALA A 183 -11.74 -5.89 -12.13
CA ALA A 183 -11.75 -7.32 -12.34
C ALA A 183 -10.34 -7.84 -12.56
N GLY A 184 -10.20 -9.16 -12.43
CA GLY A 184 -8.92 -9.80 -12.64
C GLY A 184 -8.54 -9.96 -14.10
N THR A 185 -7.98 -8.92 -14.69
CA THR A 185 -7.56 -8.96 -16.09
C THR A 185 -6.16 -9.56 -16.18
N PRO A 186 -5.99 -10.73 -16.79
CA PRO A 186 -4.66 -11.35 -16.88
C PRO A 186 -3.63 -10.41 -17.50
N ASN A 187 -2.40 -10.48 -16.99
CA ASN A 187 -1.28 -9.68 -17.46
C ASN A 187 -0.38 -10.55 -18.33
N LEU A 188 -0.26 -10.20 -19.61
CA LEU A 188 0.60 -10.96 -20.51
C LEU A 188 2.06 -10.89 -20.08
N ILE A 189 2.47 -9.79 -19.46
CA ILE A 189 3.83 -9.57 -19.00
C ILE A 189 3.75 -9.17 -17.54
N SER A 190 4.43 -9.91 -16.67
CA SER A 190 4.37 -9.68 -15.24
C SER A 190 5.39 -8.64 -14.81
N THR A 191 5.10 -8.00 -13.67
CA THR A 191 6.05 -7.04 -13.12
C THR A 191 7.39 -7.67 -12.81
N GLU A 192 7.39 -8.98 -12.49
CA GLU A 192 8.63 -9.66 -12.12
C GLU A 192 9.65 -9.63 -13.24
N PHE A 193 9.19 -9.84 -14.48
CA PHE A 193 10.09 -9.74 -15.63
C PHE A 193 10.42 -8.28 -15.94
N SER A 194 9.40 -7.44 -16.00
CA SER A 194 9.58 -6.02 -16.28
C SER A 194 8.37 -5.24 -15.80
N ALA A 195 8.60 -4.15 -15.07
CA ALA A 195 7.51 -3.26 -14.71
C ALA A 195 7.17 -2.31 -15.85
N GLU A 196 8.15 -1.96 -16.70
CA GLU A 196 7.89 -1.03 -17.79
C GLU A 196 7.26 -1.73 -18.99
N LEU A 197 7.71 -2.94 -19.32
CA LEU A 197 7.10 -3.67 -20.43
C LEU A 197 5.70 -4.14 -20.07
N HIS A 198 5.46 -4.48 -18.80
CA HIS A 198 4.10 -4.78 -18.34
C HIS A 198 3.21 -3.55 -18.46
N TYR A 199 3.72 -2.37 -18.09
CA TYR A 199 2.95 -1.14 -18.24
C TYR A 199 2.61 -0.86 -19.70
N LYS A 200 3.54 -1.10 -20.61
CA LYS A 200 3.37 -0.76 -22.02
C LYS A 200 2.75 -1.88 -22.84
N VAL A 201 2.12 -2.85 -22.18
CA VAL A 201 1.44 -3.95 -22.85
C VAL A 201 0.12 -4.24 -22.14
N ASP A 202 0.13 -4.21 -20.81
CA ASP A 202 -1.03 -4.57 -20.03
C ASP A 202 -1.75 -3.38 -19.39
N VAL A 203 -1.20 -2.17 -19.51
CA VAL A 203 -1.85 -1.01 -18.91
C VAL A 203 -2.01 0.09 -19.95
N LEU A 204 -0.96 0.30 -20.75
CA LEU A 204 -0.96 1.39 -21.73
C LEU A 204 -2.17 1.32 -22.66
N PRO A 205 -2.55 0.17 -23.22
CA PRO A 205 -3.80 0.14 -24.00
C PRO A 205 -5.03 0.40 -23.16
N TRP A 206 -5.03 -0.02 -21.89
CA TRP A 206 -6.17 0.26 -21.03
C TRP A 206 -6.30 1.75 -20.76
N ILE A 207 -5.15 2.44 -20.64
CA ILE A 207 -5.19 3.90 -20.58
C ILE A 207 -5.65 4.48 -21.92
N ILE A 208 -5.18 3.89 -23.03
CA ILE A 208 -5.61 4.32 -24.35
C ILE A 208 -7.13 4.26 -24.46
N CYS A 209 -7.70 3.07 -24.26
CA CYS A 209 -9.15 2.90 -24.29
C CYS A 209 -9.79 3.50 -23.04
N LYS A 210 -9.60 4.82 -22.90
CA LYS A 210 -10.17 5.61 -21.78
C LYS A 210 -10.95 4.80 -20.73
N GLY A 211 -10.26 4.03 -19.89
CA GLY A 211 -10.94 3.40 -18.79
C GLY A 211 -12.13 2.53 -19.16
N ASP A 212 -12.29 2.26 -20.45
CA ASP A 212 -13.41 1.44 -20.90
C ASP A 212 -13.08 -0.02 -20.62
N TRP A 213 -13.55 -0.51 -19.47
CA TRP A 213 -13.33 -1.91 -19.11
C TRP A 213 -14.00 -2.86 -20.09
N SER A 214 -15.18 -2.48 -20.60
CA SER A 214 -15.91 -3.36 -21.52
C SER A 214 -15.20 -3.50 -22.86
N ARG A 215 -14.56 -2.43 -23.32
CA ARG A 215 -13.73 -2.49 -24.52
C ARG A 215 -12.45 -3.30 -24.25
N TYR A 216 -11.79 -3.02 -23.13
CA TYR A 216 -10.55 -3.71 -22.79
C TYR A 216 -10.80 -5.19 -22.51
N ASN A 217 -11.80 -5.51 -21.70
CA ASN A 217 -11.92 -6.87 -21.15
C ASN A 217 -12.30 -7.90 -22.20
N GLU A 218 -12.92 -7.52 -23.32
CA GLU A 218 -13.20 -8.52 -24.35
C GLU A 218 -11.93 -9.02 -25.03
N ALA A 219 -10.90 -8.17 -25.09
CA ALA A 219 -9.63 -8.58 -25.67
C ALA A 219 -8.68 -9.17 -24.62
N ARG A 220 -8.81 -8.76 -23.36
CA ARG A 220 -8.00 -9.32 -22.27
C ARG A 220 -8.99 -9.85 -21.23
N PRO A 221 -9.51 -11.06 -21.44
CA PRO A 221 -10.69 -11.51 -20.70
C PRO A 221 -10.38 -11.87 -19.25
N PRO A 222 -11.11 -11.30 -18.30
CA PRO A 222 -11.00 -11.75 -16.91
C PRO A 222 -11.30 -13.23 -16.78
N ASN A 223 -10.69 -13.85 -15.78
CA ASN A 223 -10.79 -15.29 -15.57
C ASN A 223 -11.57 -15.60 -14.30
N ASN A 224 -12.48 -16.59 -14.40
CA ASN A 224 -13.16 -17.16 -13.25
C ASN A 224 -13.19 -18.68 -13.48
N GLY A 225 -12.01 -19.30 -13.44
CA GLY A 225 -11.91 -20.72 -13.70
C GLY A 225 -12.64 -21.56 -12.66
N GLN A 226 -12.63 -21.11 -11.41
CA GLN A 226 -13.38 -21.79 -10.36
C GLN A 226 -14.88 -21.51 -10.42
N LYS A 227 -15.31 -20.68 -11.36
CA LYS A 227 -16.74 -20.44 -11.63
C LYS A 227 -17.48 -20.00 -10.38
N CYS A 228 -16.85 -19.09 -9.63
CA CYS A 228 -17.51 -18.53 -8.46
C CYS A 228 -18.70 -17.68 -8.91
N THR A 229 -19.48 -17.24 -7.93
CA THR A 229 -20.67 -16.45 -8.21
C THR A 229 -20.28 -15.15 -8.91
N GLU A 230 -21.00 -14.84 -9.99
CA GLU A 230 -20.75 -13.61 -10.73
C GLU A 230 -20.90 -12.39 -9.83
N SER A 231 -20.02 -11.40 -10.04
CA SER A 231 -20.07 -10.18 -9.25
C SER A 231 -19.34 -9.09 -10.02
N PRO A 232 -19.83 -7.84 -10.00
CA PRO A 232 -21.01 -7.33 -9.27
C PRO A 232 -22.33 -7.83 -9.86
N SER A 233 -23.40 -7.79 -9.07
CA SER A 233 -24.68 -8.38 -9.43
C SER A 233 -25.25 -7.81 -10.72
N ASP A 234 -26.28 -8.49 -11.25
CA ASP A 234 -26.94 -8.05 -12.48
C ASP A 234 -27.35 -6.59 -12.40
N GLU A 235 -27.97 -6.21 -11.28
CA GLU A 235 -28.44 -4.85 -11.09
C GLU A 235 -27.31 -3.85 -11.21
N ASP A 236 -26.23 -4.06 -10.45
CA ASP A 236 -25.16 -3.08 -10.41
C ASP A 236 -24.29 -3.16 -11.65
N TYR A 237 -24.13 -4.35 -12.21
CA TYR A 237 -23.37 -4.51 -13.46
C TYR A 237 -23.93 -3.61 -14.55
N ILE A 238 -25.26 -3.49 -14.60
CA ILE A 238 -25.90 -2.66 -15.60
C ILE A 238 -25.66 -1.18 -15.31
N LYS A 239 -25.82 -0.80 -14.03
CA LYS A 239 -25.48 0.56 -13.63
C LYS A 239 -24.10 0.95 -14.11
N GLN A 240 -23.18 -0.01 -14.10
CA GLN A 240 -21.83 0.23 -14.60
C GLN A 240 -21.81 0.51 -16.10
N PHE A 241 -22.76 -0.06 -16.85
CA PHE A 241 -22.76 0.09 -18.31
C PHE A 241 -22.76 1.56 -18.70
N GLN A 242 -23.82 2.27 -18.29
CA GLN A 242 -24.02 3.65 -18.73
C GLN A 242 -22.97 4.59 -18.15
N GLU A 243 -22.50 4.31 -16.93
CA GLU A 243 -21.55 5.19 -16.28
C GLU A 243 -20.16 5.08 -16.92
N ALA A 244 -19.61 3.87 -16.94
CA ALA A 244 -18.19 3.70 -17.23
C ALA A 244 -17.84 4.02 -18.68
N ARG A 245 -18.80 4.03 -19.60
CA ARG A 245 -18.52 4.46 -20.96
C ARG A 245 -18.73 5.95 -21.16
N GLU A 246 -18.70 6.73 -20.07
CA GLU A 246 -18.57 8.18 -20.11
C GLU A 246 -17.17 8.63 -19.75
N TYR A 247 -16.56 7.99 -18.77
CA TYR A 247 -15.20 8.30 -18.34
C TYR A 247 -14.40 7.01 -18.18
N ASP B 5 -0.89 13.69 -20.60
CA ASP B 5 -2.03 14.51 -20.19
C ASP B 5 -2.62 14.09 -18.84
N TRP B 6 -3.74 14.72 -18.45
CA TRP B 6 -4.36 14.45 -17.16
C TRP B 6 -4.99 13.07 -17.16
N SER B 7 -5.65 12.75 -16.05
CA SER B 7 -6.52 11.59 -15.97
C SER B 7 -7.70 11.96 -15.08
N LEU B 8 -8.48 10.95 -14.70
CA LEU B 8 -9.68 11.20 -13.94
C LEU B 8 -9.35 11.55 -12.49
N TRP B 9 -10.17 12.44 -11.91
CA TRP B 9 -10.25 12.53 -10.46
C TRP B 9 -11.09 11.37 -9.97
N SER B 10 -10.61 10.70 -8.93
CA SER B 10 -11.33 9.54 -8.41
C SER B 10 -12.55 9.97 -7.63
N VAL B 11 -13.08 9.08 -6.84
CA VAL B 11 -14.29 9.34 -6.08
C VAL B 11 -13.91 9.84 -4.69
N CYS B 12 -14.79 10.64 -4.10
CA CYS B 12 -14.70 10.95 -2.68
C CYS B 12 -14.84 9.65 -1.90
N SER B 13 -13.81 9.32 -1.11
CA SER B 13 -13.62 7.96 -0.64
C SER B 13 -14.71 7.48 0.32
N VAL B 14 -15.53 8.40 0.86
CA VAL B 14 -16.53 8.01 1.84
C VAL B 14 -17.71 8.98 1.75
N THR B 15 -18.90 8.46 2.06
CA THR B 15 -20.13 9.23 2.20
C THR B 15 -20.51 9.45 3.67
N CYS B 16 -20.49 8.38 4.47
CA CYS B 16 -20.78 8.44 5.90
C CYS B 16 -19.62 9.03 6.70
N GLY B 17 -19.02 10.11 6.20
CA GLY B 17 -17.89 10.72 6.88
C GLY B 17 -17.14 11.72 6.01
N ASN B 18 -15.83 11.80 6.21
CA ASN B 18 -14.97 12.73 5.48
C ASN B 18 -13.76 11.96 4.97
N GLY B 19 -13.46 12.08 3.68
CA GLY B 19 -12.50 11.22 3.05
C GLY B 19 -11.44 11.97 2.25
N ASN B 20 -11.01 11.33 1.16
CA ASN B 20 -9.88 11.76 0.35
C ASN B 20 -10.13 11.36 -1.09
N GLN B 21 -9.41 11.99 -2.01
CA GLN B 21 -9.63 11.82 -3.44
C GLN B 21 -8.33 12.07 -4.18
N LYS B 22 -8.04 11.22 -5.17
CA LYS B 22 -6.74 11.16 -5.82
C LYS B 22 -6.88 11.18 -7.33
N ARG B 23 -5.84 11.68 -7.99
CA ARG B 23 -5.77 11.76 -9.44
C ARG B 23 -4.40 11.29 -9.90
N THR B 24 -4.34 10.75 -11.12
CA THR B 24 -3.09 10.24 -11.69
C THR B 24 -2.72 11.07 -12.93
N ARG B 25 -2.05 12.21 -12.69
CA ARG B 25 -1.54 13.03 -13.77
C ARG B 25 -0.70 12.19 -14.74
N SER B 26 -0.02 11.17 -14.20
CA SER B 26 0.76 10.22 -15.04
C SER B 26 1.50 10.94 -16.17
N CYS B 27 2.72 11.41 -15.90
CA CYS B 27 3.47 12.23 -16.90
C CYS B 27 4.07 11.39 -18.04
N GLY B 28 5.38 11.50 -18.26
CA GLY B 28 6.04 10.86 -19.39
C GLY B 28 6.72 9.55 -19.06
N TYR B 29 7.76 9.24 -19.82
CA TYR B 29 8.40 7.93 -19.74
C TYR B 29 9.23 7.82 -18.46
N ALA B 30 9.12 6.67 -17.80
CA ALA B 30 9.76 6.35 -16.52
C ALA B 30 9.35 7.31 -15.41
N CYS B 31 8.30 8.10 -15.59
CA CYS B 31 7.80 9.03 -14.60
C CYS B 31 6.29 8.87 -14.46
N THR B 32 5.78 9.24 -13.29
CA THR B 32 4.35 9.09 -12.99
C THR B 32 3.97 10.16 -11.97
N ALA B 33 3.17 11.14 -12.41
CA ALA B 33 2.70 12.17 -11.50
C ALA B 33 1.31 11.81 -10.98
N THR B 34 1.14 11.84 -9.66
CA THR B 34 -0.17 11.70 -9.06
C THR B 34 -0.41 12.88 -8.12
N GLU B 35 -1.60 12.91 -7.51
CA GLU B 35 -2.03 14.08 -6.76
C GLU B 35 -3.28 13.75 -5.94
N SER B 36 -3.27 14.10 -4.65
CA SER B 36 -4.32 13.70 -3.73
C SER B 36 -4.88 14.89 -2.98
N ARG B 37 -6.19 14.87 -2.74
CA ARG B 37 -6.87 15.90 -1.96
C ARG B 37 -7.92 15.25 -1.09
N THR B 38 -8.23 15.89 0.03
CA THR B 38 -9.28 15.40 0.91
C THR B 38 -10.59 16.13 0.60
N CYS B 39 -11.70 15.40 0.77
CA CYS B 39 -13.02 15.88 0.41
C CYS B 39 -13.97 15.76 1.59
N ASP B 40 -15.02 16.56 1.56
CA ASP B 40 -15.95 16.71 2.68
C ASP B 40 -17.32 16.18 2.31
N ARG B 41 -17.98 15.53 3.28
CA ARG B 41 -19.39 15.19 3.25
C ARG B 41 -19.86 15.15 4.69
N PRO B 42 -21.09 15.60 4.97
CA PRO B 42 -21.51 15.75 6.38
C PRO B 42 -21.77 14.38 7.01
N ASN B 43 -21.18 14.16 8.17
CA ASN B 43 -21.38 12.94 8.95
C ASN B 43 -21.03 11.68 8.15
N GLU B 48 -18.45 14.14 20.72
CA GLU B 48 -18.35 13.31 21.91
C GLU B 48 -17.80 11.93 21.53
N ASP B 49 -16.61 11.92 20.93
CA ASP B 49 -15.92 10.71 20.51
C ASP B 49 -14.57 10.53 21.18
N THR B 50 -13.78 11.60 21.33
CA THR B 50 -12.47 11.46 21.95
C THR B 50 -12.59 11.26 23.45
N PHE B 51 -13.51 11.98 24.10
CA PHE B 51 -13.68 11.90 25.54
C PHE B 51 -14.75 10.91 25.97
N ARG B 52 -15.52 10.34 25.04
CA ARG B 52 -16.54 9.33 25.35
C ARG B 52 -16.38 8.16 24.39
N THR B 53 -15.30 7.39 24.58
CA THR B 53 -15.12 6.12 23.90
C THR B 53 -14.22 5.22 24.76
N ALA B 54 -13.01 5.70 25.06
CA ALA B 54 -12.15 4.96 25.96
C ALA B 54 -12.65 5.02 27.40
N ALA B 55 -13.45 6.03 27.73
CA ALA B 55 -13.99 6.15 29.09
C ALA B 55 -14.91 5.00 29.45
N THR B 56 -15.39 4.26 28.45
CA THR B 56 -16.27 3.13 28.74
C THR B 56 -15.48 1.94 29.30
N GLU B 57 -14.23 1.75 28.86
CA GLU B 57 -13.39 0.67 29.35
C GLU B 57 -12.36 1.13 30.38
N VAL B 58 -12.61 2.27 31.03
CA VAL B 58 -11.66 2.82 32.00
C VAL B 58 -12.36 3.27 33.27
N SER B 59 -13.20 4.31 33.16
CA SER B 59 -13.78 4.93 34.36
C SER B 59 -14.67 3.98 35.15
N LEU B 60 -15.36 3.06 34.47
CA LEU B 60 -16.11 2.01 35.16
C LEU B 60 -15.38 0.68 35.18
N LEU B 61 -14.58 0.38 34.16
CA LEU B 61 -13.80 -0.86 34.08
C LEU B 61 -12.49 -0.66 34.84
N ALA B 62 -12.61 -0.61 36.17
CA ALA B 62 -11.47 -0.41 37.05
C ALA B 62 -11.84 -0.79 38.48
N SER B 79 14.66 6.34 38.41
CA SER B 79 13.27 6.55 38.06
C SER B 79 12.97 5.89 36.72
N CYS B 80 13.92 5.97 35.80
CA CYS B 80 13.75 5.36 34.49
C CYS B 80 13.54 3.85 34.61
N GLU B 81 14.25 3.22 35.55
CA GLU B 81 14.06 1.79 35.79
C GLU B 81 12.67 1.50 36.32
N ARG B 82 12.23 2.27 37.33
CA ARG B 82 10.92 2.02 37.92
C ARG B 82 9.80 2.19 36.91
N TRP B 83 10.03 3.00 35.87
CA TRP B 83 9.01 3.19 34.84
C TRP B 83 8.87 1.94 33.97
N MET B 84 9.94 1.55 33.30
CA MET B 84 9.90 0.39 32.41
C MET B 84 9.91 -0.93 33.17
N SER B 85 9.79 -0.90 34.49
CA SER B 85 9.52 -2.10 35.28
C SER B 85 8.14 -2.06 35.92
N CYS B 86 7.25 -1.23 35.40
CA CYS B 86 5.90 -1.07 35.94
C CYS B 86 4.99 -2.14 35.38
N LYS B 87 4.56 -3.07 36.23
CA LYS B 87 3.58 -4.08 35.87
C LYS B 87 2.18 -3.68 36.33
N SER B 88 1.75 -2.48 35.94
CA SER B 88 0.39 -2.05 36.22
C SER B 88 -0.58 -2.83 35.35
N GLU B 89 -1.60 -3.41 35.97
CA GLU B 89 -2.60 -4.19 35.23
C GLU B 89 -3.27 -3.33 34.16
N PHE B 90 -3.55 -2.07 34.49
CA PHE B 90 -4.10 -1.12 33.52
C PHE B 90 -3.12 -0.90 32.38
N LEU B 91 -1.89 -0.51 32.70
CA LEU B 91 -0.92 -0.17 31.66
C LEU B 91 -0.61 -1.38 30.78
N LYS B 92 -0.48 -2.57 31.40
CA LYS B 92 -0.13 -3.76 30.63
C LYS B 92 -1.26 -4.15 29.68
N LYS B 93 -2.48 -4.30 30.21
CA LYS B 93 -3.63 -4.68 29.37
C LYS B 93 -3.88 -3.66 28.27
N TYR B 94 -3.91 -2.38 28.62
CA TYR B 94 -4.09 -1.31 27.64
C TYR B 94 -3.07 -1.44 26.51
N MET B 95 -1.79 -1.63 26.86
CA MET B 95 -0.74 -1.70 25.86
C MET B 95 -0.88 -2.93 24.98
N HIS B 96 -1.27 -4.07 25.56
CA HIS B 96 -1.55 -5.26 24.78
C HIS B 96 -2.62 -4.98 23.73
N LYS B 97 -3.76 -4.44 24.16
CA LYS B 97 -4.84 -4.14 23.23
C LYS B 97 -4.43 -3.06 22.23
N VAL B 98 -3.49 -2.20 22.61
CA VAL B 98 -2.99 -1.19 21.68
C VAL B 98 -2.35 -1.85 20.47
N MET B 99 -1.51 -2.86 20.70
CA MET B 99 -0.92 -3.61 19.60
C MET B 99 -1.92 -4.56 18.95
N ASN B 100 -3.06 -4.83 19.59
CA ASN B 100 -4.12 -5.64 19.01
C ASN B 100 -5.20 -4.80 18.33
N ASP B 101 -4.88 -3.57 17.95
CA ASP B 101 -5.84 -2.68 17.31
C ASP B 101 -5.16 -1.73 16.33
N LEU B 102 -4.04 -1.12 16.74
CA LEU B 102 -3.33 -0.15 15.91
C LEU B 102 -3.02 -0.76 14.54
N PRO B 103 -2.96 0.06 13.50
CA PRO B 103 -2.63 -0.47 12.17
C PRO B 103 -1.12 -0.65 12.03
N SER B 104 -0.73 -1.31 10.94
CA SER B 104 0.68 -1.50 10.66
C SER B 104 1.30 -0.19 10.19
N CYS B 105 2.60 -0.19 10.10
CA CYS B 105 3.14 0.98 9.42
C CYS B 105 3.21 0.74 7.93
N PRO B 106 3.10 1.80 7.13
CA PRO B 106 3.41 1.68 5.70
C PRO B 106 4.89 1.43 5.48
N CYS B 107 5.19 0.55 4.52
CA CYS B 107 6.58 0.25 4.20
C CYS B 107 7.30 1.42 3.55
N SER B 108 6.55 2.39 3.01
CA SER B 108 7.13 3.56 2.38
C SER B 108 6.38 4.80 2.83
N TYR B 109 7.00 5.94 2.59
CA TYR B 109 6.42 7.22 2.99
C TYR B 109 5.22 7.52 2.11
N PRO B 110 4.01 7.61 2.67
CA PRO B 110 2.85 8.00 1.87
C PRO B 110 2.95 9.46 1.45
N THR B 111 3.45 9.69 0.23
CA THR B 111 3.78 11.04 -0.22
C THR B 111 2.60 12.00 -0.10
N GLU B 112 1.38 11.50 -0.33
CA GLU B 112 0.18 12.33 -0.34
C GLU B 112 -0.17 12.89 1.05
N VAL B 113 0.65 12.73 2.08
CA VAL B 113 0.36 13.28 3.40
C VAL B 113 1.12 14.57 3.64
N ALA B 114 1.96 15.00 2.70
CA ALA B 114 2.81 16.18 2.88
C ALA B 114 2.01 17.41 3.25
N TYR B 115 1.11 17.85 2.36
CA TYR B 115 0.28 19.02 2.60
C TYR B 115 -1.18 18.67 2.88
N SER B 116 -1.65 17.52 2.40
CA SER B 116 -3.01 17.08 2.66
C SER B 116 -3.02 16.18 3.88
N THR B 117 -4.14 15.49 4.10
CA THR B 117 -4.25 14.47 5.13
C THR B 117 -4.85 13.23 4.48
N ALA B 118 -4.10 12.13 4.50
CA ALA B 118 -4.36 10.98 3.64
C ALA B 118 -5.00 9.82 4.40
N ASP B 119 -5.60 8.92 3.62
CA ASP B 119 -6.27 7.73 4.13
C ASP B 119 -5.59 6.49 3.57
N ILE B 120 -5.23 5.57 4.46
CA ILE B 120 -4.60 4.30 4.09
C ILE B 120 -5.45 3.16 4.64
N PHE B 121 -5.54 2.09 3.87
CA PHE B 121 -6.29 0.90 4.25
C PHE B 121 -5.31 -0.17 4.72
N ASP B 122 -5.34 -0.46 6.01
CA ASP B 122 -4.48 -1.50 6.56
C ASP B 122 -4.98 -2.86 6.12
N ARG B 123 -4.17 -3.57 5.34
CA ARG B 123 -4.58 -4.87 4.83
C ARG B 123 -4.73 -5.89 5.95
N ILE B 124 -4.03 -5.69 7.07
CA ILE B 124 -4.06 -6.69 8.15
C ILE B 124 -5.28 -6.49 9.04
N LYS B 125 -5.46 -5.28 9.56
CA LYS B 125 -6.65 -4.93 10.35
C LYS B 125 -7.90 -4.75 9.48
N ARG B 126 -7.77 -4.92 8.16
CA ARG B 126 -8.86 -4.76 7.19
C ARG B 126 -9.77 -3.58 7.54
N LYS B 127 -9.17 -2.39 7.50
CA LYS B 127 -9.90 -1.17 7.80
C LYS B 127 -9.15 0.02 7.23
N ASP B 128 -9.89 1.11 7.02
CA ASP B 128 -9.29 2.38 6.65
C ASP B 128 -8.79 3.08 7.90
N PHE B 129 -7.61 3.69 7.79
CA PHE B 129 -7.06 4.47 8.89
C PHE B 129 -6.48 5.76 8.37
N ARG B 130 -6.71 6.83 9.13
CA ARG B 130 -6.40 8.18 8.70
C ARG B 130 -5.07 8.62 9.30
N TRP B 131 -4.22 9.23 8.47
CA TRP B 131 -2.84 9.54 8.85
C TRP B 131 -2.51 10.99 8.54
N LYS B 132 -1.94 11.68 9.53
CA LYS B 132 -1.46 13.03 9.37
C LYS B 132 0.07 13.04 9.38
N ASP B 133 0.66 13.99 8.67
CA ASP B 133 2.11 14.08 8.60
C ASP B 133 2.66 14.60 9.92
N ALA B 134 3.50 13.78 10.57
CA ALA B 134 4.11 14.12 11.85
C ALA B 134 5.58 14.49 11.68
N SER B 135 5.88 15.29 10.65
CA SER B 135 7.24 15.73 10.38
C SER B 135 7.42 17.22 10.63
N GLY B 136 6.53 17.82 11.40
CA GLY B 136 6.52 19.25 11.60
C GLY B 136 7.60 19.74 12.55
N PRO B 137 7.49 21.00 12.98
CA PRO B 137 8.51 21.56 13.87
C PRO B 137 8.28 21.18 15.33
N LYS B 138 7.01 21.13 15.75
CA LYS B 138 6.68 20.72 17.10
C LYS B 138 7.02 19.26 17.35
N GLU B 139 7.34 18.50 16.30
CA GLU B 139 7.84 17.14 16.48
C GLU B 139 9.32 17.13 16.83
N LYS B 140 10.09 18.10 16.34
CA LYS B 140 11.54 18.18 16.52
C LYS B 140 12.20 16.86 16.15
N LEU B 141 12.33 16.59 14.86
CA LEU B 141 12.89 15.32 14.42
C LEU B 141 14.36 15.18 14.81
N GLU B 142 15.13 16.27 14.70
CA GLU B 142 16.54 16.23 15.09
C GLU B 142 16.73 15.80 16.53
N ILE B 143 15.71 15.93 17.37
CA ILE B 143 15.80 15.59 18.77
C ILE B 143 15.39 14.14 18.98
N TYR B 144 14.14 13.81 18.65
CA TYR B 144 13.57 12.56 19.10
C TYR B 144 13.88 11.42 18.15
N LYS B 145 13.80 11.68 16.84
CA LYS B 145 14.03 10.68 15.82
C LYS B 145 15.15 11.17 14.90
N PRO B 146 16.39 11.18 15.40
CA PRO B 146 17.47 11.88 14.68
C PRO B 146 18.02 11.13 13.49
N THR B 147 17.65 9.87 13.28
CA THR B 147 17.96 9.24 12.00
C THR B 147 16.96 9.66 10.93
N ALA B 148 15.70 9.86 11.32
CA ALA B 148 14.62 9.94 10.36
C ALA B 148 14.70 11.21 9.51
N ARG B 149 13.77 11.30 8.57
CA ARG B 149 13.52 12.43 7.70
C ARG B 149 12.06 12.84 7.69
N TYR B 150 11.14 11.89 7.61
CA TYR B 150 9.71 12.16 7.74
C TYR B 150 9.12 11.25 8.81
N CYS B 151 8.03 11.71 9.40
CA CYS B 151 7.25 10.91 10.33
C CYS B 151 5.77 11.12 10.09
N ILE B 152 4.98 10.07 10.34
CA ILE B 152 3.54 10.08 10.13
C ILE B 152 2.89 9.44 11.35
N ARG B 153 1.60 9.74 11.53
CA ARG B 153 0.91 9.41 12.77
C ARG B 153 -0.52 8.94 12.50
N SER B 154 -0.90 7.83 13.12
CA SER B 154 -2.28 7.40 13.08
C SER B 154 -3.18 8.40 13.78
N MET B 155 -4.44 8.44 13.38
CA MET B 155 -5.39 9.42 13.88
C MET B 155 -6.54 8.71 14.59
N LEU B 156 -7.04 9.34 15.65
CA LEU B 156 -8.11 8.76 16.45
C LEU B 156 -9.35 8.50 15.60
N SER B 157 -9.58 7.24 15.26
CA SER B 157 -10.74 6.84 14.47
C SER B 157 -12.03 7.23 15.18
N LEU B 158 -13.11 7.34 14.42
CA LEU B 158 -14.42 7.59 15.03
C LEU B 158 -14.83 6.40 15.90
N GLU B 159 -14.27 5.22 15.65
CA GLU B 159 -14.50 4.02 16.44
C GLU B 159 -13.19 3.52 17.03
N SER B 160 -12.36 4.44 17.54
CA SER B 160 -11.10 4.07 18.14
C SER B 160 -11.32 3.30 19.43
N THR B 161 -10.68 2.15 19.55
CA THR B 161 -10.75 1.39 20.79
C THR B 161 -9.90 1.99 21.90
N THR B 162 -8.89 2.78 21.54
CA THR B 162 -7.98 3.37 22.51
C THR B 162 -7.76 4.84 22.17
N LEU B 163 -7.00 5.51 23.03
CA LEU B 163 -6.51 6.86 22.81
C LEU B 163 -5.13 6.88 22.15
N ALA B 164 -4.69 5.74 21.63
CA ALA B 164 -3.34 5.59 21.11
C ALA B 164 -3.25 6.12 19.69
N ALA B 165 -2.06 6.01 19.11
CA ALA B 165 -1.83 6.42 17.73
C ALA B 165 -0.52 5.83 17.23
N GLN B 166 -0.59 5.05 16.14
CA GLN B 166 0.63 4.49 15.57
C GLN B 166 1.53 5.59 15.04
N HIS B 167 2.76 5.60 15.50
CA HIS B 167 3.78 6.48 14.95
C HIS B 167 4.68 5.67 14.02
N CYS B 168 5.11 6.32 12.94
CA CYS B 168 6.02 5.71 11.99
C CYS B 168 6.94 6.80 11.45
N CYS B 169 8.23 6.50 11.37
CA CYS B 169 9.21 7.44 10.87
C CYS B 169 10.04 6.80 9.78
N TYR B 170 10.45 7.62 8.82
CA TYR B 170 11.05 7.17 7.57
C TYR B 170 12.36 7.90 7.34
N GLY B 171 13.06 7.53 6.27
CA GLY B 171 14.40 8.02 6.04
C GLY B 171 14.49 8.91 4.81
N ASP B 172 15.75 9.13 4.39
CA ASP B 172 15.98 9.97 3.21
C ASP B 172 15.53 9.28 1.93
N ASN B 173 15.58 7.96 1.92
CA ASN B 173 15.08 7.14 0.81
C ASN B 173 13.58 6.88 0.90
N MET B 174 12.91 7.41 1.93
CA MET B 174 11.47 7.36 2.18
C MET B 174 11.03 6.02 2.79
N GLN B 175 11.94 5.11 3.09
CA GLN B 175 11.55 3.82 3.65
C GLN B 175 11.51 3.87 5.17
N LEU B 176 10.75 2.95 5.73
CA LEU B 176 10.55 2.89 7.18
C LEU B 176 11.84 2.54 7.88
N ILE B 177 12.17 3.30 8.94
CA ILE B 177 13.28 2.97 9.82
C ILE B 177 12.71 2.16 10.98
N THR B 178 13.13 0.89 11.06
CA THR B 178 12.46 -0.08 11.93
C THR B 178 12.96 -0.05 13.37
N ARG B 179 14.27 0.00 13.57
CA ARG B 179 14.90 -0.19 14.87
C ARG B 179 15.87 0.96 15.11
N GLY B 180 15.86 1.50 16.33
CA GLY B 180 16.83 2.52 16.67
C GLY B 180 16.31 3.84 17.21
N LYS B 181 17.16 4.88 17.15
CA LYS B 181 16.83 6.17 17.73
C LYS B 181 15.69 6.88 17.00
N GLY B 182 15.52 6.59 15.72
CA GLY B 182 14.43 7.19 14.97
C GLY B 182 13.48 6.15 14.39
N ALA B 183 12.53 5.66 15.20
CA ALA B 183 11.69 4.57 14.77
C ALA B 183 10.26 4.79 15.26
N GLY B 184 9.32 4.11 14.59
CA GLY B 184 7.92 4.26 14.89
C GLY B 184 7.49 3.67 16.21
N THR B 185 7.65 4.44 17.29
CA THR B 185 7.24 3.99 18.60
C THR B 185 5.77 4.34 18.83
N PRO B 186 4.90 3.35 19.08
CA PRO B 186 3.51 3.66 19.38
C PRO B 186 3.37 4.61 20.55
N ASN B 187 2.47 5.58 20.40
CA ASN B 187 2.22 6.57 21.45
C ASN B 187 0.93 6.20 22.17
N LEU B 188 1.02 6.04 23.50
CA LEU B 188 -0.14 5.64 24.28
C LEU B 188 -1.25 6.67 24.18
N ILE B 189 -0.91 7.95 24.16
CA ILE B 189 -1.87 9.03 24.05
C ILE B 189 -1.53 9.85 22.82
N SER B 190 -2.53 10.15 22.01
CA SER B 190 -2.33 10.90 20.77
C SER B 190 -2.51 12.40 21.01
N THR B 191 -1.85 13.20 20.16
CA THR B 191 -1.95 14.65 20.28
C THR B 191 -3.38 15.13 20.08
N GLU B 192 -4.19 14.36 19.33
CA GLU B 192 -5.58 14.74 19.13
C GLU B 192 -6.34 14.72 20.44
N PHE B 193 -6.09 13.71 21.28
CA PHE B 193 -6.70 13.69 22.60
C PHE B 193 -6.08 14.76 23.49
N SER B 194 -4.75 14.82 23.53
CA SER B 194 -4.01 15.83 24.28
C SER B 194 -2.54 15.85 23.89
N ALA B 195 -2.02 17.03 23.51
CA ALA B 195 -0.61 17.12 23.16
C ALA B 195 0.28 17.13 24.40
N GLU B 196 -0.25 17.57 25.54
CA GLU B 196 0.52 17.61 26.78
C GLU B 196 0.47 16.29 27.53
N LEU B 197 -0.67 15.60 27.51
CA LEU B 197 -0.74 14.27 28.10
C LEU B 197 0.12 13.29 27.31
N HIS B 198 0.05 13.35 25.98
CA HIS B 198 0.99 12.59 25.14
C HIS B 198 2.43 12.92 25.51
N TYR B 199 2.79 14.21 25.55
CA TYR B 199 4.16 14.60 25.86
C TYR B 199 4.62 14.07 27.21
N LYS B 200 3.71 14.03 28.19
CA LYS B 200 4.07 13.62 29.54
C LYS B 200 3.75 12.16 29.82
N VAL B 201 3.62 11.34 28.77
CA VAL B 201 3.39 9.91 28.88
C VAL B 201 4.23 9.19 27.83
N ASP B 202 4.36 9.80 26.65
CA ASP B 202 5.06 9.19 25.52
C ASP B 202 6.35 9.90 25.15
N VAL B 203 6.73 10.95 25.88
CA VAL B 203 7.95 11.69 25.58
C VAL B 203 8.71 11.95 26.88
N LEU B 204 7.98 12.32 27.93
CA LEU B 204 8.61 12.57 29.22
C LEU B 204 9.40 11.37 29.70
N PRO B 205 8.94 10.12 29.57
CA PRO B 205 9.84 9.02 29.86
C PRO B 205 11.00 8.91 28.89
N TRP B 206 10.81 9.30 27.62
CA TRP B 206 11.91 9.15 26.66
C TRP B 206 13.02 10.14 26.94
N ILE B 207 12.68 11.35 27.40
CA ILE B 207 13.72 12.32 27.74
C ILE B 207 14.34 12.00 29.10
N ILE B 208 13.59 11.36 30.00
CA ILE B 208 14.17 10.89 31.26
C ILE B 208 15.29 9.91 30.99
N CYS B 209 14.98 8.85 30.23
CA CYS B 209 15.99 7.87 29.87
C CYS B 209 16.87 8.40 28.73
N LYS B 210 17.53 9.52 29.07
CA LYS B 210 18.51 10.18 28.17
C LYS B 210 18.57 9.60 26.76
N GLY B 211 17.52 9.86 25.98
CA GLY B 211 17.60 9.46 24.60
C GLY B 211 18.00 8.02 24.34
N ASP B 212 18.17 7.22 25.39
CA ASP B 212 18.52 5.81 25.22
C ASP B 212 17.36 5.06 24.58
N TRP B 213 17.36 4.98 23.24
CA TRP B 213 16.28 4.32 22.54
C TRP B 213 16.20 2.84 22.92
N SER B 214 17.35 2.20 23.14
CA SER B 214 17.34 0.77 23.47
C SER B 214 16.70 0.51 24.82
N ARG B 215 16.78 1.47 25.74
CA ARG B 215 16.08 1.34 27.00
C ARG B 215 14.60 1.64 26.84
N TYR B 216 14.27 2.63 26.00
CA TYR B 216 12.87 2.97 25.75
C TYR B 216 12.19 1.94 24.85
N ASN B 217 12.81 1.62 23.71
CA ASN B 217 12.16 0.82 22.68
C ASN B 217 11.81 -0.59 23.13
N GLU B 218 12.39 -1.09 24.23
CA GLU B 218 12.00 -2.40 24.70
C GLU B 218 10.69 -2.35 25.48
N ALA B 219 10.41 -1.24 26.16
CA ALA B 219 9.12 -1.08 26.81
C ALA B 219 8.05 -0.60 25.85
N ARG B 220 8.44 0.22 24.86
CA ARG B 220 7.52 0.77 23.88
C ARG B 220 7.97 0.27 22.51
N PRO B 221 7.61 -0.96 22.14
CA PRO B 221 8.23 -1.61 20.98
C PRO B 221 7.75 -0.97 19.69
N PRO B 222 8.67 -0.59 18.81
CA PRO B 222 8.28 -0.19 17.45
C PRO B 222 7.46 -1.26 16.76
N ASN B 223 6.89 -0.87 15.62
CA ASN B 223 6.00 -1.74 14.86
C ASN B 223 6.45 -1.85 13.43
N ASN B 224 6.52 -3.08 12.92
CA ASN B 224 6.72 -3.35 11.50
C ASN B 224 5.71 -4.44 11.10
N GLY B 225 4.42 -4.05 11.07
CA GLY B 225 3.39 -5.03 10.79
C GLY B 225 3.43 -5.57 9.38
N GLN B 226 3.56 -4.68 8.39
CA GLN B 226 3.69 -5.11 7.00
C GLN B 226 5.06 -5.73 6.72
N LYS B 227 5.87 -5.88 7.77
CA LYS B 227 7.11 -6.64 7.72
C LYS B 227 8.02 -6.16 6.59
N CYS B 228 8.38 -4.87 6.68
CA CYS B 228 9.27 -4.30 5.69
C CYS B 228 10.71 -4.72 6.00
N THR B 229 11.62 -4.39 5.09
CA THR B 229 13.01 -4.74 5.27
C THR B 229 13.61 -3.96 6.45
N GLU B 230 14.38 -4.67 7.26
CA GLU B 230 14.93 -4.09 8.49
C GLU B 230 15.93 -2.98 8.16
N SER B 231 15.92 -1.91 8.96
CA SER B 231 16.83 -0.80 8.77
C SER B 231 16.92 -0.01 10.06
N PRO B 232 18.07 0.65 10.35
CA PRO B 232 19.32 0.69 9.57
C PRO B 232 20.04 -0.66 9.57
N SER B 233 21.00 -0.83 8.67
CA SER B 233 21.59 -2.14 8.41
C SER B 233 22.25 -2.72 9.66
N ASP B 234 22.46 -4.04 9.62
CA ASP B 234 22.99 -4.79 10.76
C ASP B 234 24.25 -4.16 11.34
N GLU B 235 25.24 -3.93 10.47
CA GLU B 235 26.47 -3.27 10.90
C GLU B 235 26.19 -1.91 11.51
N ASP B 236 25.40 -1.09 10.82
CA ASP B 236 25.15 0.27 11.28
C ASP B 236 24.21 0.32 12.46
N TYR B 237 23.33 -0.67 12.60
CA TYR B 237 22.50 -0.78 13.80
C TYR B 237 23.39 -0.93 15.03
N ILE B 238 24.48 -1.67 14.89
CA ILE B 238 25.31 -1.98 16.06
C ILE B 238 26.11 -0.75 16.48
N LYS B 239 26.70 -0.03 15.52
CA LYS B 239 27.38 1.22 15.85
C LYS B 239 26.46 2.16 16.61
N GLN B 240 25.18 2.20 16.22
CA GLN B 240 24.21 2.99 16.96
C GLN B 240 24.12 2.53 18.41
N PHE B 241 24.02 1.22 18.62
CA PHE B 241 23.88 0.67 19.97
C PHE B 241 25.02 1.11 20.89
N GLN B 242 26.25 0.92 20.43
CA GLN B 242 27.43 1.23 21.25
C GLN B 242 27.58 2.72 21.49
N GLU B 243 27.02 3.56 20.63
CA GLU B 243 27.00 5.00 20.87
C GLU B 243 25.85 5.40 21.78
N ALA B 244 24.71 4.73 21.64
CA ALA B 244 23.54 5.08 22.45
C ALA B 244 23.66 4.61 23.89
N ARG B 245 24.63 3.75 24.20
CA ARG B 245 24.90 3.35 25.58
C ARG B 245 26.02 4.17 26.19
N GLU B 246 26.04 5.47 25.87
CA GLU B 246 26.96 6.42 26.46
C GLU B 246 26.49 7.82 26.11
#